data_7S0R
#
_entry.id   7S0R
#
_cell.length_a   56.838
_cell.length_b   56.838
_cell.length_c   137.409
_cell.angle_alpha   90.000
_cell.angle_beta   90.000
_cell.angle_gamma   120.000
#
_symmetry.space_group_name_H-M   'P 31 2 1'
#
_entity_poly.entity_id   1
_entity_poly.type   'polypeptide(L)'
_entity_poly.pdbx_seq_one_letter_code
;GSTGSVEQDQPAPIPENSE(MSE)DQAKEKAKIAVSKY(MSE)SKVLDGVHQHLQKKNHSKIVDLFKELEAIKQQTIFDI
DNAKTEVEIDNLVHDAFSK(MSE)NATVAKFQKGLETNT
;
_entity_poly.pdbx_strand_id   A,B
#
# COMPACT_ATOMS: atom_id res chain seq x y z
N ASN A 17 -12.47 7.77 -30.10
CA ASN A 17 -13.92 7.95 -30.07
C ASN A 17 -14.55 6.93 -29.14
N SER A 18 -15.26 5.97 -29.73
CA SER A 18 -15.76 4.84 -28.97
C SER A 18 -14.64 4.00 -28.40
N GLU A 19 -13.41 4.18 -28.88
CA GLU A 19 -12.23 3.58 -28.27
C GLU A 19 -11.67 4.45 -27.16
N MSE A 20 -11.96 5.74 -27.15
CA MSE A 20 -11.72 6.56 -25.98
C MSE A 20 -12.75 6.25 -24.92
O MSE A 20 -12.45 6.21 -23.73
CB MSE A 20 -11.75 8.04 -26.35
CG MSE A 20 -10.40 8.59 -26.74
SE MSE A 20 -9.29 8.93 -25.18
CE MSE A 20 -10.36 10.36 -24.39
N ASP A 21 -13.99 6.03 -25.35
CA ASP A 21 -15.06 5.63 -24.43
C ASP A 21 -14.71 4.33 -23.73
N GLN A 22 -14.21 3.35 -24.47
CA GLN A 22 -13.87 2.09 -23.83
C GLN A 22 -12.59 2.22 -22.99
N ALA A 23 -11.67 3.07 -23.40
CA ALA A 23 -10.50 3.32 -22.56
C ALA A 23 -10.90 4.00 -21.26
N LYS A 24 -11.92 4.86 -21.30
CA LYS A 24 -12.39 5.48 -20.08
C LYS A 24 -13.07 4.46 -19.16
N GLU A 25 -13.91 3.60 -19.74
CA GLU A 25 -14.62 2.59 -18.94
C GLU A 25 -13.64 1.69 -18.20
N LYS A 26 -12.62 1.22 -18.92
CA LYS A 26 -11.69 0.26 -18.31
C LYS A 26 -10.86 0.91 -17.22
N ALA A 27 -10.47 2.17 -17.39
CA ALA A 27 -9.72 2.86 -16.34
C ALA A 27 -10.53 2.97 -15.05
N LYS A 28 -11.82 3.29 -15.16
CA LYS A 28 -12.65 3.42 -13.97
C LYS A 28 -12.68 2.11 -13.20
N ILE A 29 -12.67 1.00 -13.91
CA ILE A 29 -12.76 -0.29 -13.26
C ILE A 29 -11.44 -0.65 -12.59
N ALA A 30 -10.31 -0.31 -13.22
CA ALA A 30 -9.03 -0.52 -12.57
C ALA A 30 -8.94 0.30 -11.28
N VAL A 31 -9.41 1.55 -11.29
CA VAL A 31 -9.40 2.33 -10.07
C VAL A 31 -10.32 1.72 -9.02
N SER A 32 -11.44 1.16 -9.45
CA SER A 32 -12.38 0.61 -8.50
C SER A 32 -11.87 -0.70 -7.90
N LYS A 33 -11.28 -1.56 -8.74
CA LYS A 33 -10.80 -2.85 -8.26
C LYS A 33 -9.58 -2.67 -7.35
N TYR A 34 -8.66 -1.77 -7.73
CA TYR A 34 -7.47 -1.54 -6.93
C TYR A 34 -7.82 -1.09 -5.53
N MSE A 35 -8.94 -0.38 -5.37
CA MSE A 35 -9.30 0.12 -4.04
C MSE A 35 -9.59 -1.05 -3.12
O MSE A 35 -9.39 -0.95 -1.92
CB MSE A 35 -10.51 1.06 -4.09
CG MSE A 35 -10.85 1.65 -2.72
SE MSE A 35 -12.50 2.71 -2.52
CE MSE A 35 -13.79 1.39 -3.24
N SER A 36 -10.06 -2.17 -3.67
CA SER A 36 -10.11 -3.40 -2.88
C SER A 36 -8.72 -3.96 -2.67
N LYS A 37 -7.93 -4.02 -3.74
CA LYS A 37 -6.60 -4.58 -3.64
C LYS A 37 -5.77 -3.89 -2.57
N VAL A 38 -5.77 -2.55 -2.50
CA VAL A 38 -4.90 -1.92 -1.50
C VAL A 38 -5.32 -2.28 -0.08
N LEU A 39 -6.59 -2.56 0.16
CA LEU A 39 -7.03 -2.76 1.52
C LEU A 39 -6.73 -4.16 2.04
N ASP A 40 -6.41 -5.10 1.15
CA ASP A 40 -6.12 -6.47 1.56
C ASP A 40 -4.90 -6.50 2.48
N GLY A 41 -4.92 -7.43 3.44
CA GLY A 41 -3.82 -7.62 4.37
C GLY A 41 -3.63 -6.51 5.39
N VAL A 42 -4.48 -5.49 5.34
CA VAL A 42 -4.41 -4.34 6.26
C VAL A 42 -5.43 -4.58 7.36
N HIS A 43 -4.96 -4.86 8.59
CA HIS A 43 -5.86 -5.45 9.58
C HIS A 43 -5.79 -4.86 10.99
N GLN A 44 -4.62 -4.43 11.47
CA GLN A 44 -4.29 -4.31 12.93
C GLN A 44 -5.09 -5.28 13.79
N ASN A 50 -7.35 0.83 21.78
CA ASN A 50 -8.73 1.35 21.72
C ASN A 50 -9.00 2.23 20.46
N HIS A 51 -9.40 1.55 19.37
CA HIS A 51 -10.07 2.11 18.19
C HIS A 51 -9.11 2.67 17.14
N SER A 52 -9.45 2.50 15.86
CA SER A 52 -8.57 2.90 14.77
C SER A 52 -9.28 3.87 13.83
N LYS A 53 -8.47 4.63 13.09
CA LYS A 53 -9.03 5.54 12.11
C LYS A 53 -9.19 4.82 10.78
N ILE A 54 -9.38 3.49 10.82
CA ILE A 54 -9.61 2.74 9.60
C ILE A 54 -10.96 3.06 8.97
N VAL A 55 -11.80 3.85 9.62
CA VAL A 55 -12.97 4.35 8.91
C VAL A 55 -12.62 5.61 8.11
N ASP A 56 -11.74 6.46 8.64
CA ASP A 56 -11.32 7.64 7.90
C ASP A 56 -10.41 7.27 6.73
N LEU A 57 -9.68 6.16 6.84
CA LEU A 57 -8.93 5.65 5.69
C LEU A 57 -9.87 5.18 4.60
N PHE A 58 -11.04 4.66 4.98
CA PHE A 58 -11.95 4.19 3.96
C PHE A 58 -12.68 5.35 3.30
N LYS A 59 -13.02 6.39 4.06
CA LYS A 59 -13.57 7.58 3.44
C LYS A 59 -12.53 8.28 2.58
N GLU A 60 -11.27 8.19 2.97
CA GLU A 60 -10.22 8.87 2.22
C GLU A 60 -9.98 8.19 0.89
N LEU A 61 -9.94 6.85 0.90
CA LEU A 61 -9.79 6.10 -0.34
C LEU A 61 -11.00 6.29 -1.23
N GLU A 62 -12.20 6.33 -0.66
CA GLU A 62 -13.40 6.54 -1.47
C GLU A 62 -13.38 7.92 -2.13
N ALA A 63 -12.72 8.89 -1.48
CA ALA A 63 -12.59 10.24 -2.04
C ALA A 63 -11.62 10.24 -3.22
N ILE A 64 -10.47 9.60 -3.07
CA ILE A 64 -9.52 9.56 -4.18
C ILE A 64 -10.17 8.90 -5.39
N LYS A 65 -10.97 7.87 -5.15
CA LYS A 65 -11.61 7.18 -6.26
C LYS A 65 -12.56 8.09 -7.03
N GLN A 66 -13.49 8.77 -6.35
CA GLN A 66 -14.47 9.57 -7.08
C GLN A 66 -13.80 10.68 -7.86
N GLN A 67 -12.91 11.43 -7.20
CA GLN A 67 -12.11 12.44 -7.88
C GLN A 67 -11.49 11.89 -9.16
N THR A 68 -10.89 10.70 -9.07
CA THR A 68 -10.23 10.11 -10.22
C THR A 68 -11.22 9.63 -11.28
N ILE A 69 -12.35 9.07 -10.87
CA ILE A 69 -13.34 8.65 -11.85
C ILE A 69 -13.87 9.88 -12.59
N PHE A 70 -14.01 10.98 -11.88
CA PHE A 70 -14.37 12.23 -12.52
C PHE A 70 -13.31 12.64 -13.53
N ASP A 71 -12.03 12.63 -13.12
CA ASP A 71 -10.99 13.16 -13.98
C ASP A 71 -10.79 12.30 -15.22
N ILE A 72 -11.06 11.00 -15.12
CA ILE A 72 -10.99 10.16 -16.31
C ILE A 72 -11.99 10.61 -17.36
N ASP A 73 -13.24 10.85 -16.96
CA ASP A 73 -14.24 11.30 -17.92
C ASP A 73 -13.80 12.56 -18.66
N ASN A 74 -13.10 13.47 -17.97
CA ASN A 74 -12.64 14.72 -18.54
C ASN A 74 -11.31 14.60 -19.26
N ALA A 75 -10.72 13.41 -19.30
CA ALA A 75 -9.38 13.27 -19.85
C ALA A 75 -9.41 13.43 -21.37
N LYS A 76 -8.39 14.09 -21.91
CA LYS A 76 -8.38 14.35 -23.35
C LYS A 76 -7.82 13.16 -24.14
N THR A 77 -6.69 12.61 -23.71
CA THR A 77 -5.97 11.58 -24.45
C THR A 77 -5.93 10.29 -23.63
N GLU A 78 -5.32 9.25 -24.21
CA GLU A 78 -5.14 8.00 -23.47
C GLU A 78 -3.87 7.99 -22.65
N VAL A 79 -2.92 8.89 -22.94
CA VAL A 79 -1.76 9.06 -22.08
C VAL A 79 -2.14 9.80 -20.79
N GLU A 80 -3.10 10.74 -20.85
CA GLU A 80 -3.60 11.36 -19.63
C GLU A 80 -4.37 10.38 -18.76
N ILE A 81 -5.16 9.50 -19.38
CA ILE A 81 -5.89 8.48 -18.64
C ILE A 81 -4.92 7.61 -17.84
N ASP A 82 -3.77 7.26 -18.44
CA ASP A 82 -2.78 6.45 -17.75
C ASP A 82 -2.16 7.21 -16.58
N ASN A 83 -1.77 8.45 -16.81
CA ASN A 83 -1.24 9.24 -15.70
C ASN A 83 -2.25 9.33 -14.57
N LEU A 84 -3.53 9.46 -14.89
CA LEU A 84 -4.55 9.54 -13.87
C LEU A 84 -4.63 8.23 -13.07
N VAL A 85 -4.74 7.11 -13.76
CA VAL A 85 -4.85 5.83 -13.07
C VAL A 85 -3.65 5.59 -12.17
N HIS A 86 -2.45 5.79 -12.70
CA HIS A 86 -1.26 5.56 -11.90
C HIS A 86 -1.14 6.56 -10.77
N ASP A 87 -1.55 7.81 -11.00
CA ASP A 87 -1.54 8.76 -9.90
C ASP A 87 -2.51 8.35 -8.79
N ALA A 88 -3.60 7.68 -9.16
CA ALA A 88 -4.57 7.29 -8.15
C ALA A 88 -4.06 6.09 -7.38
N PHE A 89 -3.48 5.11 -8.10
CA PHE A 89 -2.78 4.03 -7.45
C PHE A 89 -1.76 4.57 -6.45
N SER A 90 -1.00 5.58 -6.85
CA SER A 90 0.04 6.13 -6.00
C SER A 90 -0.55 6.84 -4.78
N LYS A 91 -1.73 7.45 -4.92
CA LYS A 91 -2.31 8.16 -3.79
C LYS A 91 -2.88 7.17 -2.78
N MSE A 92 -3.43 6.08 -3.25
CA MSE A 92 -4.04 5.13 -2.35
C MSE A 92 -2.98 4.41 -1.50
O MSE A 92 -3.20 4.14 -0.32
CB MSE A 92 -4.87 4.14 -3.16
CG MSE A 92 -6.18 4.73 -3.64
SE MSE A 92 -7.06 3.55 -4.89
CE MSE A 92 -8.57 4.68 -5.44
N ASN A 93 -1.82 4.12 -2.09
CA ASN A 93 -0.75 3.50 -1.30
C ASN A 93 -0.18 4.47 -0.28
N ALA A 94 -0.08 5.75 -0.66
CA ALA A 94 0.39 6.77 0.27
C ALA A 94 -0.58 6.95 1.42
N THR A 95 -1.89 6.87 1.13
CA THR A 95 -2.87 6.98 2.19
C THR A 95 -2.78 5.81 3.14
N VAL A 96 -2.71 4.60 2.59
CA VAL A 96 -2.49 3.43 3.44
C VAL A 96 -1.18 3.57 4.19
N ALA A 97 -0.14 4.13 3.54
CA ALA A 97 1.13 4.28 4.23
C ALA A 97 1.01 5.19 5.43
N LYS A 98 0.30 6.31 5.28
CA LYS A 98 0.07 7.23 6.38
C LYS A 98 -0.78 6.58 7.46
N PHE A 99 -1.66 5.65 7.07
CA PHE A 99 -2.48 4.98 8.06
C PHE A 99 -1.64 4.04 8.92
N GLN A 100 -0.70 3.33 8.30
CA GLN A 100 0.15 2.40 9.04
C GLN A 100 1.06 3.13 10.01
N LYS A 101 1.69 4.21 9.54
CA LYS A 101 2.50 5.03 10.44
C LYS A 101 1.68 5.50 11.63
N GLY A 102 0.42 5.86 11.39
CA GLY A 102 -0.44 6.25 12.50
C GLY A 102 -0.61 5.16 13.55
N LEU A 103 -0.48 3.90 13.17
CA LEU A 103 -0.69 2.81 14.11
C LEU A 103 0.48 2.59 15.07
N GLU A 104 1.65 3.21 14.83
CA GLU A 104 2.71 3.18 15.83
C GLU A 104 2.29 3.97 17.08
N THR A 105 3.13 3.89 18.11
CA THR A 105 2.83 4.48 19.41
C THR A 105 3.98 5.38 19.86
N ASN A 106 3.77 6.05 21.00
CA ASN A 106 4.76 6.91 21.64
C ASN A 106 5.26 8.01 20.69
N GLU B 16 11.43 -19.74 29.40
CA GLU B 16 11.58 -18.62 30.32
C GLU B 16 10.80 -17.44 29.77
N ASN B 17 10.78 -17.31 28.45
CA ASN B 17 10.29 -16.10 27.79
C ASN B 17 9.47 -16.45 26.56
N SER B 18 8.56 -17.41 26.71
CA SER B 18 7.63 -17.73 25.64
C SER B 18 6.71 -16.53 25.48
N GLU B 19 5.67 -16.69 24.65
CA GLU B 19 4.76 -15.59 24.36
C GLU B 19 5.45 -14.41 23.68
N MSE B 20 6.51 -13.87 24.28
CA MSE B 20 7.32 -12.82 23.63
C MSE B 20 8.10 -13.43 22.45
O MSE B 20 8.37 -12.76 21.48
CB MSE B 20 8.27 -12.14 24.62
CG MSE B 20 9.12 -11.02 24.05
SE MSE B 20 8.18 -9.32 23.62
CE MSE B 20 9.70 -8.43 22.74
N ASP B 21 8.42 -14.71 22.52
CA ASP B 21 9.01 -15.36 21.36
C ASP B 21 7.97 -15.74 20.32
N GLN B 22 6.73 -15.95 20.71
CA GLN B 22 5.68 -16.11 19.71
C GLN B 22 5.40 -14.79 19.02
N ALA B 23 5.39 -13.71 19.78
CA ALA B 23 5.14 -12.40 19.19
C ALA B 23 6.17 -12.07 18.13
N LYS B 24 7.45 -12.31 18.43
CA LYS B 24 8.49 -12.11 17.43
C LYS B 24 8.21 -12.97 16.22
N GLU B 25 7.79 -14.21 16.46
CA GLU B 25 7.63 -15.15 15.36
C GLU B 25 6.44 -14.78 14.47
N LYS B 26 5.37 -14.27 15.05
CA LYS B 26 4.21 -13.87 14.26
C LYS B 26 4.47 -12.57 13.52
N ALA B 27 5.19 -11.64 14.16
CA ALA B 27 5.55 -10.39 13.50
C ALA B 27 6.43 -10.65 12.28
N LYS B 28 7.45 -11.51 12.42
CA LYS B 28 8.29 -11.83 11.27
C LYS B 28 7.47 -12.40 10.14
N ILE B 29 6.56 -13.33 10.46
CA ILE B 29 5.75 -13.94 9.43
C ILE B 29 4.84 -12.91 8.78
N ALA B 30 4.27 -12.03 9.60
CA ALA B 30 3.36 -11.00 9.09
C ALA B 30 4.07 -10.05 8.15
N VAL B 31 5.33 -9.73 8.44
CA VAL B 31 6.08 -8.88 7.53
C VAL B 31 6.30 -9.58 6.19
N SER B 32 6.63 -10.88 6.21
CA SER B 32 6.74 -11.62 4.95
C SER B 32 5.42 -11.69 4.22
N LYS B 33 4.33 -11.99 4.93
CA LYS B 33 3.03 -12.15 4.31
C LYS B 33 2.55 -10.85 3.67
N TYR B 34 2.83 -9.72 4.33
CA TYR B 34 2.43 -8.42 3.78
C TYR B 34 3.16 -8.10 2.49
N MSE B 35 4.43 -8.47 2.39
CA MSE B 35 5.19 -8.18 1.19
C MSE B 35 4.57 -8.85 -0.04
O MSE B 35 4.51 -8.26 -1.12
CB MSE B 35 6.64 -8.61 1.37
CG MSE B 35 7.37 -8.53 0.08
SE MSE B 35 9.24 -8.75 0.37
CE MSE B 35 9.82 -8.34 -1.47
N SER B 36 4.11 -10.09 0.12
CA SER B 36 3.32 -10.73 -0.95
C SER B 36 2.13 -9.87 -1.31
N LYS B 37 1.32 -9.52 -0.30
CA LYS B 37 0.08 -8.80 -0.54
C LYS B 37 0.33 -7.50 -1.31
N VAL B 38 1.35 -6.73 -0.94
CA VAL B 38 1.56 -5.48 -1.65
C VAL B 38 2.13 -5.68 -3.04
N LEU B 39 2.58 -6.89 -3.37
CA LEU B 39 3.00 -7.19 -4.75
C LEU B 39 1.80 -7.51 -5.63
N ASP B 40 0.78 -8.18 -5.10
CA ASP B 40 -0.38 -8.49 -5.89
C ASP B 40 -1.16 -7.23 -6.21
N GLY B 41 -1.80 -7.21 -7.37
CA GLY B 41 -2.45 -6.02 -7.85
C GLY B 41 -1.51 -5.00 -8.43
N VAL B 42 -0.22 -5.09 -8.14
CA VAL B 42 0.79 -4.27 -8.78
C VAL B 42 1.18 -4.95 -10.09
N HIS B 43 0.94 -4.27 -11.21
CA HIS B 43 1.26 -4.81 -12.54
C HIS B 43 1.76 -3.72 -13.48
N SER B 52 9.84 -1.27 -17.32
CA SER B 52 9.39 -1.61 -15.97
C SER B 52 10.53 -1.47 -14.95
N LYS B 53 10.34 -0.60 -13.94
CA LYS B 53 11.23 -0.52 -12.78
C LYS B 53 10.72 -1.38 -11.62
N ILE B 54 10.03 -2.48 -11.92
CA ILE B 54 9.41 -3.25 -10.87
C ILE B 54 10.43 -4.13 -10.15
N VAL B 55 11.49 -4.56 -10.84
CA VAL B 55 12.54 -5.34 -10.20
C VAL B 55 13.20 -4.54 -9.08
N ASP B 56 13.34 -3.22 -9.29
CA ASP B 56 13.82 -2.38 -8.21
C ASP B 56 12.80 -2.30 -7.09
N LEU B 57 11.52 -2.44 -7.42
CA LEU B 57 10.50 -2.50 -6.38
C LEU B 57 10.69 -3.75 -5.52
N PHE B 58 10.85 -4.91 -6.16
CA PHE B 58 11.13 -6.15 -5.44
C PHE B 58 12.29 -5.96 -4.48
N LYS B 59 13.45 -5.54 -5.02
CA LYS B 59 14.67 -5.41 -4.21
C LYS B 59 14.46 -4.51 -3.02
N GLU B 60 13.84 -3.34 -3.24
CA GLU B 60 13.59 -2.40 -2.16
C GLU B 60 12.73 -3.02 -1.06
N LEU B 61 11.60 -3.63 -1.44
CA LEU B 61 10.75 -4.28 -0.46
C LEU B 61 11.53 -5.33 0.31
N GLU B 62 12.25 -6.20 -0.41
CA GLU B 62 13.10 -7.18 0.22
C GLU B 62 14.01 -6.55 1.26
N ALA B 63 14.59 -5.39 0.95
CA ALA B 63 15.52 -4.78 1.89
C ALA B 63 14.80 -4.39 3.17
N ILE B 64 13.61 -3.81 3.04
CA ILE B 64 12.80 -3.42 4.19
C ILE B 64 12.42 -4.63 5.02
N LYS B 65 12.07 -5.73 4.36
CA LYS B 65 11.67 -6.93 5.08
C LYS B 65 12.84 -7.50 5.88
N GLN B 66 14.01 -7.62 5.24
CA GLN B 66 15.20 -8.12 5.94
C GLN B 66 15.52 -7.23 7.12
N GLN B 67 15.49 -5.91 6.93
CA GLN B 67 15.87 -4.99 7.99
C GLN B 67 14.84 -4.98 9.12
N THR B 68 13.58 -5.26 8.81
CA THR B 68 12.58 -5.27 9.87
C THR B 68 12.65 -6.57 10.67
N ILE B 69 12.86 -7.70 10.00
CA ILE B 69 12.99 -8.98 10.70
C ILE B 69 14.26 -9.01 11.55
N PHE B 70 15.32 -8.34 11.11
CA PHE B 70 16.51 -8.26 11.95
C PHE B 70 16.23 -7.45 13.21
N ASP B 71 15.45 -6.38 13.09
CA ASP B 71 15.19 -5.51 14.23
C ASP B 71 14.18 -6.11 15.18
N ILE B 72 13.21 -6.87 14.65
CA ILE B 72 12.28 -7.60 15.50
C ILE B 72 13.02 -8.60 16.36
N ASP B 73 13.95 -9.34 15.76
CA ASP B 73 14.78 -10.27 16.49
C ASP B 73 15.48 -9.63 17.69
N ASN B 74 15.70 -8.31 17.68
CA ASN B 74 16.33 -7.61 18.80
C ASN B 74 15.35 -6.79 19.64
N ALA B 75 14.07 -6.80 19.33
CA ALA B 75 13.11 -6.02 20.11
C ALA B 75 12.95 -6.63 21.51
N LYS B 76 12.68 -5.77 22.47
CA LYS B 76 12.56 -6.25 23.84
C LYS B 76 11.19 -6.10 24.46
N THR B 77 10.27 -5.38 23.82
CA THR B 77 8.90 -5.26 24.31
C THR B 77 7.93 -5.56 23.17
N GLU B 78 6.65 -5.64 23.52
CA GLU B 78 5.63 -5.83 22.50
C GLU B 78 5.36 -4.57 21.70
N VAL B 79 5.65 -3.40 22.25
CA VAL B 79 5.41 -2.16 21.53
C VAL B 79 6.54 -1.88 20.54
N GLU B 80 7.79 -2.21 20.89
CA GLU B 80 8.83 -2.17 19.87
C GLU B 80 8.49 -3.13 18.73
N ILE B 81 8.00 -4.33 19.06
CA ILE B 81 7.70 -5.27 17.99
C ILE B 81 6.58 -4.74 17.11
N ASP B 82 5.51 -4.25 17.71
CA ASP B 82 4.39 -3.76 16.90
C ASP B 82 4.80 -2.53 16.10
N ASN B 83 5.50 -1.58 16.73
CA ASN B 83 5.99 -0.41 16.02
C ASN B 83 6.83 -0.83 14.82
N LEU B 84 7.70 -1.82 15.00
CA LEU B 84 8.52 -2.28 13.88
C LEU B 84 7.66 -2.82 12.75
N VAL B 85 6.60 -3.57 13.07
CA VAL B 85 5.76 -4.12 12.02
C VAL B 85 5.04 -3.02 11.26
N HIS B 86 4.38 -2.10 11.97
CA HIS B 86 3.60 -1.09 11.29
C HIS B 86 4.50 -0.10 10.53
N ASP B 87 5.73 0.08 10.98
CA ASP B 87 6.69 0.87 10.22
C ASP B 87 7.05 0.18 8.92
N ALA B 88 7.26 -1.13 8.96
CA ALA B 88 7.52 -1.85 7.71
C ALA B 88 6.32 -1.78 6.78
N PHE B 89 5.12 -1.95 7.32
CA PHE B 89 3.90 -1.80 6.52
C PHE B 89 3.88 -0.44 5.86
N SER B 90 4.18 0.60 6.63
CA SER B 90 4.18 1.95 6.11
C SER B 90 5.21 2.11 5.00
N LYS B 91 6.43 1.64 5.23
CA LYS B 91 7.48 1.82 4.25
C LYS B 91 7.17 1.07 2.96
N MSE B 92 6.47 -0.03 3.05
CA MSE B 92 6.26 -0.86 1.88
C MSE B 92 5.20 -0.20 1.01
O MSE B 92 5.34 -0.19 -0.21
CB MSE B 92 5.88 -2.29 2.28
CG MSE B 92 7.08 -3.15 2.63
SE MSE B 92 6.46 -4.85 3.27
CE MSE B 92 8.12 -5.53 4.14
N ASN B 93 4.15 0.33 1.63
CA ASN B 93 3.14 1.05 0.86
C ASN B 93 3.72 2.31 0.24
N ALA B 94 4.59 3.00 0.97
CA ALA B 94 5.26 4.18 0.44
C ALA B 94 6.09 3.83 -0.79
N THR B 95 6.88 2.77 -0.70
CA THR B 95 7.68 2.34 -1.84
C THR B 95 6.80 2.06 -3.06
N VAL B 96 5.64 1.43 -2.84
CA VAL B 96 4.77 1.19 -3.97
C VAL B 96 4.19 2.50 -4.50
N ALA B 97 4.11 3.52 -3.65
CA ALA B 97 3.59 4.82 -4.08
C ALA B 97 4.55 5.51 -5.04
N LYS B 98 5.82 5.61 -4.67
CA LYS B 98 6.84 6.12 -5.58
C LYS B 98 6.87 5.34 -6.88
N PHE B 99 6.83 4.01 -6.79
CA PHE B 99 6.81 3.19 -8.00
C PHE B 99 5.65 3.55 -8.91
N GLN B 100 4.46 3.72 -8.33
CA GLN B 100 3.29 4.04 -9.13
C GLN B 100 3.43 5.42 -9.77
N LYS B 101 3.67 6.44 -8.95
CA LYS B 101 3.99 7.76 -9.46
C LYS B 101 5.01 7.71 -10.59
N GLY B 102 5.96 6.79 -10.49
CA GLY B 102 6.98 6.69 -11.52
C GLY B 102 6.56 5.99 -12.78
N LEU B 103 5.39 5.36 -12.83
CA LEU B 103 4.90 4.86 -14.11
C LEU B 103 4.18 5.94 -14.92
N GLU B 104 4.07 7.16 -14.39
CA GLU B 104 3.43 8.25 -15.14
C GLU B 104 4.33 8.68 -16.30
N THR B 105 3.73 9.40 -17.24
CA THR B 105 4.48 9.97 -18.37
C THR B 105 4.13 11.44 -18.59
#